data_5KE9
#
_entry.id   5KE9
#
_cell.length_a   51.440
_cell.length_b   51.440
_cell.length_c   130.594
_cell.angle_alpha   90.00
_cell.angle_beta   90.00
_cell.angle_gamma   90.00
#
_symmetry.space_group_name_H-M   'P 43 21 2'
#
loop_
_entity.id
_entity.type
_entity.pdbx_description
1 polymer 'Krueppel-like factor 4'
2 polymer "DNA (5'-D(*GP*AP*GP*GP*TP*GP*TP*GP*GP*C)-3')"
3 polymer "DNA (5'-D(*GP*CP*CP*AP*CP*AP*CP*CP*TP*C)-3')"
4 non-polymer 'ZINC ION'
5 water water
#
loop_
_entity_poly.entity_id
_entity_poly.type
_entity_poly.pdbx_seq_one_letter_code
_entity_poly.pdbx_strand_id
1 'polypeptide(L)'
;GPLGSRTATHTCDYAGCGKTYTKSSHLKAHLRTHTGEKPYHCDWDGCGWKFARSDPLTRHYRKHTGHRPFQCQKCDRAFS
RSDHLALHMKRHF
;
A
2 'polydeoxyribonucleotide' (DG)(DA)(DG)(DG)(DT)(DG)(DT)(DG)(DG)(DC) B
3 'polydeoxyribonucleotide' (DG)(DC)(DC)(DA)(DC)(DA)(DC)(DC)(DT)(DC) C
#
# COMPACT_ATOMS: atom_id res chain seq x y z
N ARG A 6 22.34 23.30 -2.85
CA ARG A 6 23.29 22.25 -3.12
C ARG A 6 22.93 20.99 -2.34
N THR A 7 22.47 21.18 -1.10
CA THR A 7 22.02 20.08 -0.25
C THR A 7 20.81 20.55 0.54
N ALA A 8 19.66 19.92 0.31
CA ALA A 8 18.43 20.30 1.00
C ALA A 8 17.44 19.15 0.91
N THR A 9 16.33 19.32 1.63
CA THR A 9 15.29 18.29 1.67
C THR A 9 14.35 18.42 0.48
N HIS A 10 13.66 17.32 0.17
CA HIS A 10 12.68 17.30 -0.91
C HIS A 10 11.39 17.94 -0.42
N THR A 11 11.02 19.05 -1.05
CA THR A 11 9.88 19.86 -0.63
C THR A 11 8.77 19.81 -1.67
N CYS A 12 7.53 19.92 -1.20
CA CYS A 12 6.37 20.00 -2.07
C CYS A 12 6.18 21.45 -2.52
N ASP A 13 6.34 21.70 -3.81
CA ASP A 13 6.29 23.07 -4.34
C ASP A 13 4.87 23.52 -4.63
N TYR A 14 3.85 22.80 -4.19
CA TYR A 14 2.48 23.27 -4.34
C TYR A 14 2.22 24.47 -3.45
N ALA A 15 1.40 25.40 -3.95
CA ALA A 15 1.15 26.64 -3.24
C ALA A 15 0.63 26.38 -1.83
N GLY A 16 -0.40 25.55 -1.72
CA GLY A 16 -1.01 25.29 -0.43
C GLY A 16 -0.37 24.17 0.37
N CYS A 17 0.85 23.79 -0.01
CA CYS A 17 1.54 22.68 0.65
C CYS A 17 3.03 23.01 0.70
N GLY A 18 3.55 23.24 1.90
CA GLY A 18 4.97 23.44 2.11
C GLY A 18 5.61 22.25 2.79
N LYS A 19 4.94 21.11 2.74
CA LYS A 19 5.40 19.91 3.42
C LYS A 19 6.69 19.40 2.78
N THR A 20 7.44 18.63 3.57
CA THR A 20 8.74 18.13 3.14
C THR A 20 8.84 16.64 3.43
N TYR A 21 9.80 15.99 2.78
CA TYR A 21 10.03 14.56 2.93
C TYR A 21 11.52 14.28 2.79
N THR A 22 11.93 13.12 3.33
CA THR A 22 13.33 12.72 3.27
C THR A 22 13.61 11.87 2.04
N LYS A 23 12.73 10.93 1.71
CA LYS A 23 12.87 10.11 0.51
C LYS A 23 12.18 10.77 -0.67
N SER A 24 12.86 10.78 -1.81
CA SER A 24 12.24 11.30 -3.02
C SER A 24 10.97 10.52 -3.36
N SER A 25 10.97 9.21 -3.11
CA SER A 25 9.80 8.39 -3.40
C SER A 25 8.58 8.85 -2.61
N HIS A 26 8.78 9.34 -1.39
CA HIS A 26 7.66 9.79 -0.58
C HIS A 26 7.05 11.06 -1.15
N LEU A 27 7.90 11.98 -1.64
CA LEU A 27 7.38 13.19 -2.27
C LEU A 27 6.58 12.85 -3.52
N LYS A 28 7.16 12.01 -4.39
CA LYS A 28 6.46 11.63 -5.61
C LYS A 28 5.10 11.04 -5.28
N ALA A 29 5.02 10.25 -4.21
CA ALA A 29 3.73 9.70 -3.79
C ALA A 29 2.82 10.80 -3.26
N HIS A 30 3.36 11.74 -2.49
CA HIS A 30 2.56 12.82 -1.96
C HIS A 30 1.96 13.67 -3.09
N LEU A 31 2.75 13.95 -4.13
CA LEU A 31 2.24 14.74 -5.24
C LEU A 31 0.98 14.12 -5.83
N ARG A 32 0.88 12.78 -5.82
CA ARG A 32 -0.31 12.12 -6.35
C ARG A 32 -1.55 12.40 -5.53
N THR A 33 -1.39 12.83 -4.27
CA THR A 33 -2.56 13.22 -3.48
C THR A 33 -3.12 14.56 -3.97
N HIS A 34 -2.27 15.40 -4.57
CA HIS A 34 -2.74 16.67 -5.09
C HIS A 34 -3.33 16.52 -6.49
N THR A 35 -2.69 15.73 -7.36
CA THR A 35 -3.19 15.53 -8.71
C THR A 35 -4.25 14.45 -8.80
N GLY A 36 -4.28 13.50 -7.85
CA GLY A 36 -5.20 12.40 -7.92
C GLY A 36 -4.79 11.28 -8.85
N GLU A 37 -3.55 11.26 -9.29
CA GLU A 37 -3.10 10.24 -10.22
C GLU A 37 -2.98 8.89 -9.50
N LYS A 38 -3.33 7.83 -10.23
CA LYS A 38 -3.21 6.46 -9.71
C LYS A 38 -2.69 5.58 -10.85
N PRO A 39 -1.37 5.57 -11.08
CA PRO A 39 -0.83 4.90 -12.27
C PRO A 39 -0.71 3.39 -12.14
N TYR A 40 -0.83 2.83 -10.95
CA TYR A 40 -0.67 1.38 -10.76
C TYR A 40 -2.02 0.72 -10.94
N HIS A 41 -2.23 0.11 -12.12
CA HIS A 41 -3.50 -0.51 -12.48
C HIS A 41 -3.46 -2.01 -12.23
N CYS A 42 -4.62 -2.55 -11.87
CA CYS A 42 -4.79 -3.99 -11.72
C CYS A 42 -5.29 -4.57 -13.04
N ASP A 43 -4.48 -5.44 -13.66
CA ASP A 43 -4.83 -6.03 -14.94
C ASP A 43 -5.78 -7.22 -14.82
N TRP A 44 -6.23 -7.54 -13.62
CA TRP A 44 -7.20 -8.62 -13.45
C TRP A 44 -8.49 -8.27 -14.15
N ASP A 45 -8.88 -9.08 -15.14
CA ASP A 45 -10.05 -8.79 -15.94
C ASP A 45 -11.30 -8.66 -15.08
N GLY A 46 -11.88 -7.46 -15.05
CA GLY A 46 -13.10 -7.19 -14.31
C GLY A 46 -12.91 -6.39 -13.05
N CYS A 47 -11.67 -6.16 -12.60
CA CYS A 47 -11.45 -5.47 -11.35
C CYS A 47 -11.52 -3.95 -11.50
N GLY A 48 -10.65 -3.38 -12.32
CA GLY A 48 -10.66 -1.95 -12.58
C GLY A 48 -10.07 -1.09 -11.49
N TRP A 49 -9.58 -1.68 -10.39
CA TRP A 49 -9.02 -0.88 -9.31
C TRP A 49 -7.70 -0.25 -9.73
N LYS A 50 -7.47 0.97 -9.23
CA LYS A 50 -6.22 1.68 -9.43
C LYS A 50 -5.73 2.19 -8.08
N PHE A 51 -4.42 2.42 -7.99
CA PHE A 51 -3.80 2.81 -6.73
C PHE A 51 -2.72 3.85 -6.99
N ALA A 52 -2.51 4.72 -5.99
CA ALA A 52 -1.50 5.75 -6.09
C ALA A 52 -0.10 5.19 -5.85
N ARG A 53 0.02 4.10 -5.12
CA ARG A 53 1.31 3.46 -4.85
C ARG A 53 1.26 2.02 -5.34
N SER A 54 2.44 1.40 -5.40
CA SER A 54 2.56 0.04 -5.91
C SER A 54 2.29 -1.01 -4.85
N ASP A 55 2.60 -0.75 -3.58
CA ASP A 55 2.45 -1.76 -2.55
C ASP A 55 0.98 -2.09 -2.26
N PRO A 56 0.04 -1.12 -2.28
CA PRO A 56 -1.36 -1.52 -2.10
C PRO A 56 -1.91 -2.33 -3.25
N LEU A 57 -1.36 -2.18 -4.46
CA LEU A 57 -1.75 -3.02 -5.59
C LEU A 57 -1.23 -4.45 -5.41
N THR A 58 0.06 -4.59 -5.11
CA THR A 58 0.61 -5.90 -4.80
C THR A 58 -0.19 -6.58 -3.71
N ARG A 59 -0.54 -5.82 -2.66
CA ARG A 59 -1.38 -6.37 -1.60
C ARG A 59 -2.76 -6.74 -2.12
N HIS A 60 -3.40 -5.80 -2.83
CA HIS A 60 -4.72 -6.05 -3.41
C HIS A 60 -4.73 -7.31 -4.27
N TYR A 61 -3.64 -7.56 -4.98
CA TYR A 61 -3.61 -8.66 -5.93
C TYR A 61 -3.76 -10.01 -5.24
N ARG A 62 -3.32 -10.13 -3.99
CA ARG A 62 -3.49 -11.38 -3.27
C ARG A 62 -4.95 -11.79 -3.15
N LYS A 63 -5.87 -10.84 -3.25
CA LYS A 63 -7.30 -11.17 -3.27
C LYS A 63 -7.62 -12.06 -4.45
N HIS A 64 -7.09 -11.72 -5.64
CA HIS A 64 -7.42 -12.49 -6.83
C HIS A 64 -6.69 -13.83 -6.84
N THR A 65 -5.39 -13.82 -6.54
CA THR A 65 -4.58 -15.02 -6.64
C THR A 65 -4.83 -16.00 -5.49
N GLY A 66 -5.45 -15.54 -4.41
CA GLY A 66 -5.62 -16.41 -3.25
C GLY A 66 -4.32 -16.70 -2.53
N HIS A 67 -3.33 -15.82 -2.64
CA HIS A 67 -2.05 -15.99 -1.99
C HIS A 67 -2.19 -15.61 -0.51
N ARG A 68 -1.90 -16.57 0.38
CA ARG A 68 -2.04 -16.37 1.82
C ARG A 68 -0.82 -16.96 2.50
N PRO A 69 0.31 -16.23 2.51
CA PRO A 69 1.52 -16.78 3.12
C PRO A 69 1.45 -16.87 4.64
N PHE A 70 0.70 -15.98 5.28
CA PHE A 70 0.66 -15.91 6.74
C PHE A 70 -0.41 -16.86 7.26
N GLN A 71 0.00 -17.83 8.08
CA GLN A 71 -0.91 -18.83 8.61
C GLN A 71 -0.74 -18.94 10.12
N CYS A 72 -1.86 -19.01 10.83
CA CYS A 72 -1.83 -19.23 12.27
C CYS A 72 -1.45 -20.68 12.56
N GLN A 73 -0.38 -20.87 13.31
CA GLN A 73 0.14 -22.20 13.59
C GLN A 73 -0.65 -22.93 14.66
N LYS A 74 -1.70 -22.32 15.21
CA LYS A 74 -2.58 -23.00 16.16
C LYS A 74 -3.87 -23.47 15.50
N CYS A 75 -4.63 -22.56 14.90
CA CYS A 75 -5.92 -22.89 14.30
C CYS A 75 -5.85 -23.14 12.80
N ASP A 76 -4.68 -22.92 12.17
CA ASP A 76 -4.42 -23.21 10.77
C ASP A 76 -5.09 -22.22 9.82
N ARG A 77 -5.77 -21.19 10.32
CA ARG A 77 -6.33 -20.18 9.44
C ARG A 77 -5.21 -19.37 8.80
N ALA A 78 -5.38 -19.05 7.52
CA ALA A 78 -4.39 -18.34 6.73
C ALA A 78 -4.90 -16.97 6.32
N PHE A 79 -3.96 -16.05 6.08
CA PHE A 79 -4.28 -14.67 5.73
C PHE A 79 -3.34 -14.21 4.63
N SER A 80 -3.75 -13.17 3.92
CA SER A 80 -2.95 -12.60 2.85
C SER A 80 -2.02 -11.49 3.32
N ARG A 81 -2.26 -10.96 4.52
CA ARG A 81 -1.50 -9.83 5.02
C ARG A 81 -0.99 -10.14 6.42
N SER A 82 0.14 -9.53 6.76
CA SER A 82 0.74 -9.77 8.07
C SER A 82 -0.08 -9.13 9.19
N ASP A 83 -0.68 -7.96 8.93
CA ASP A 83 -1.46 -7.31 9.95
C ASP A 83 -2.74 -8.08 10.27
N HIS A 84 -3.30 -8.79 9.29
CA HIS A 84 -4.47 -9.62 9.55
C HIS A 84 -4.14 -10.77 10.47
N LEU A 85 -2.98 -11.40 10.28
CA LEU A 85 -2.58 -12.48 11.17
C LEU A 85 -2.34 -11.97 12.59
N ALA A 86 -1.65 -10.83 12.72
CA ALA A 86 -1.38 -10.27 14.04
C ALA A 86 -2.69 -10.06 14.82
N LEU A 87 -3.67 -9.39 14.20
CA LEU A 87 -4.94 -9.19 14.87
C LEU A 87 -5.60 -10.53 15.22
N HIS A 88 -5.54 -11.50 14.31
CA HIS A 88 -6.12 -12.80 14.58
C HIS A 88 -5.50 -13.44 15.82
N MET A 89 -4.19 -13.27 16.00
CA MET A 89 -3.51 -13.91 17.13
C MET A 89 -4.07 -13.44 18.46
N LYS A 90 -4.61 -12.21 18.52
CA LYS A 90 -5.18 -11.73 19.76
C LYS A 90 -6.28 -12.66 20.27
N ARG A 91 -6.96 -13.36 19.36
CA ARG A 91 -8.00 -14.32 19.75
C ARG A 91 -7.43 -15.48 20.56
N HIS A 92 -6.13 -15.72 20.48
CA HIS A 92 -5.50 -16.83 21.19
C HIS A 92 -4.79 -16.41 22.45
N PHE A 93 -4.87 -15.14 22.84
CA PHE A 93 -4.29 -14.68 24.09
C PHE A 93 -5.02 -15.30 25.29
#